data_7YFV
#
_entry.id   7YFV
#
_cell.length_a   35.167
_cell.length_b   104.674
_cell.length_c   38.413
_cell.angle_alpha   90.000
_cell.angle_beta   105.080
_cell.angle_gamma   90.000
#
_symmetry.space_group_name_H-M   'P 1 21 1'
#
loop_
_entity.id
_entity.type
_entity.pdbx_description
1 polymer 'Protein fantom'
2 water water
#
_entity_poly.entity_id   1
_entity_poly.type   'polypeptide(L)'
_entity_poly.pdbx_seq_one_letter_code
;GPGSVSRVSREELEDRFLRLHDENILLKQHARKQEDKIKRMATKLIRLVNDKKRYERVGG
;
_entity_poly.pdbx_strand_id   A,B,C,D
#
# COMPACT_ATOMS: atom_id res chain seq x y z
N SER A 6 16.61 15.12 1.75
CA SER A 6 15.26 14.90 2.26
C SER A 6 15.25 13.76 3.27
N ARG A 7 14.50 13.93 4.35
CA ARG A 7 14.42 12.93 5.41
C ARG A 7 13.05 13.01 6.07
N VAL A 8 12.64 11.90 6.69
CA VAL A 8 11.47 11.87 7.55
C VAL A 8 11.95 11.88 9.00
N SER A 9 11.44 12.82 9.77
CA SER A 9 11.82 12.89 11.17
C SER A 9 11.31 11.65 11.90
N ARG A 10 11.92 11.38 13.04
CA ARG A 10 11.53 10.24 13.84
C ARG A 10 10.13 10.39 14.44
N GLU A 11 9.78 11.59 14.90
CA GLU A 11 8.46 11.75 15.50
C GLU A 11 7.38 11.63 14.41
N GLU A 12 7.64 12.24 13.24
CA GLU A 12 6.72 12.17 12.11
C GLU A 12 6.57 10.74 11.63
N LEU A 13 7.67 10.00 11.55
CA LEU A 13 7.56 8.61 11.12
C LEU A 13 6.72 7.81 12.10
N GLU A 14 6.96 8.01 13.39
CA GLU A 14 6.15 7.38 14.44
C GLU A 14 4.69 7.82 14.36
N ASP A 15 4.46 9.11 14.14
CA ASP A 15 3.11 9.65 14.03
C ASP A 15 2.33 8.97 12.89
N ARG A 16 2.90 8.98 11.68
CA ARG A 16 2.23 8.41 10.50
C ARG A 16 2.01 6.93 10.64
N PHE A 17 3.00 6.21 11.16
CA PHE A 17 2.84 4.77 11.33
C PHE A 17 1.62 4.47 12.20
N LEU A 18 1.49 5.18 13.33
CA LEU A 18 0.40 4.91 14.26
C LEU A 18 -0.96 5.17 13.60
N ARG A 19 -1.09 6.26 12.85
CA ARG A 19 -2.35 6.58 12.20
C ARG A 19 -2.65 5.62 11.07
N LEU A 20 -1.61 5.16 10.38
CA LEU A 20 -1.78 4.05 9.45
C LEU A 20 -2.19 2.78 10.18
N HIS A 21 -1.58 2.54 11.35
CA HIS A 21 -1.94 1.35 12.11
C HIS A 21 -3.38 1.42 12.61
N ASP A 22 -3.78 2.55 13.18
CA ASP A 22 -5.14 2.69 13.70
C ASP A 22 -6.15 2.57 12.57
N GLU A 23 -5.84 3.17 11.41
CA GLU A 23 -6.73 3.05 10.27
C GLU A 23 -6.79 1.60 9.76
N ASN A 24 -5.64 0.93 9.75
CA ASN A 24 -5.59 -0.47 9.33
C ASN A 24 -6.46 -1.34 10.24
N ILE A 25 -6.43 -1.08 11.54
CA ILE A 25 -7.25 -1.82 12.50
C ILE A 25 -8.73 -1.62 12.19
N LEU A 26 -9.13 -0.36 11.98
CA LEU A 26 -10.54 -0.07 11.72
C LEU A 26 -11.00 -0.68 10.40
N LEU A 27 -10.15 -0.67 9.37
CA LEU A 27 -10.50 -1.29 8.10
C LEU A 27 -10.74 -2.79 8.28
N LYS A 28 -9.89 -3.46 9.05
CA LYS A 28 -10.05 -4.89 9.22
C LYS A 28 -11.31 -5.22 10.02
N GLN A 29 -11.59 -4.43 11.07
CA GLN A 29 -12.78 -4.68 11.88
C GLN A 29 -14.04 -4.48 11.04
N HIS A 30 -14.05 -3.46 10.17
CA HIS A 30 -15.21 -3.22 9.32
C HIS A 30 -15.43 -4.36 8.34
N ALA A 31 -14.36 -4.82 7.69
CA ALA A 31 -14.49 -5.98 6.80
C ALA A 31 -15.00 -7.20 7.57
N ARG A 32 -14.46 -7.45 8.77
CA ARG A 32 -14.91 -8.58 9.57
C ARG A 32 -16.41 -8.53 9.80
N LYS A 33 -16.93 -7.39 10.25
CA LYS A 33 -18.35 -7.29 10.58
C LYS A 33 -19.22 -7.38 9.33
N GLN A 34 -18.84 -6.63 8.28
CA GLN A 34 -19.57 -6.75 7.03
C GLN A 34 -19.54 -8.20 6.55
N GLU A 35 -18.42 -8.87 6.73
CA GLU A 35 -18.32 -10.27 6.33
C GLU A 35 -19.28 -11.15 7.10
N ASP A 36 -19.38 -10.94 8.42
CA ASP A 36 -20.30 -11.76 9.22
C ASP A 36 -21.74 -11.57 8.77
N LYS A 37 -22.17 -10.31 8.52
CA LYS A 37 -23.54 -10.05 8.15
C LYS A 37 -23.88 -10.64 6.79
N ILE A 38 -22.95 -10.57 5.84
CA ILE A 38 -23.25 -11.10 4.50
C ILE A 38 -23.46 -12.61 4.56
N LYS A 39 -22.61 -13.33 5.30
CA LYS A 39 -22.78 -14.77 5.45
C LYS A 39 -24.15 -15.13 6.02
N ARG A 40 -24.53 -14.54 7.15
CA ARG A 40 -25.77 -14.99 7.75
C ARG A 40 -27.01 -14.43 7.07
N MET A 41 -26.88 -13.54 6.08
CA MET A 41 -28.05 -13.32 5.25
C MET A 41 -28.08 -14.31 4.11
N ALA A 42 -26.91 -14.62 3.55
CA ALA A 42 -26.80 -15.65 2.55
C ALA A 42 -27.19 -17.00 3.12
N THR A 43 -26.79 -17.26 4.37
CA THR A 43 -27.08 -18.54 5.00
C THR A 43 -28.59 -18.77 5.15
N LYS A 44 -29.32 -17.79 5.69
CA LYS A 44 -30.75 -18.05 5.78
C LYS A 44 -31.45 -17.95 4.43
N LEU A 45 -30.86 -17.26 3.44
CA LEU A 45 -31.37 -17.41 2.08
C LEU A 45 -31.35 -18.88 1.68
N ILE A 46 -30.27 -19.58 2.04
CA ILE A 46 -30.19 -21.01 1.79
C ILE A 46 -31.25 -21.73 2.61
N ARG A 47 -31.41 -21.35 3.88
CA ARG A 47 -32.47 -21.92 4.70
C ARG A 47 -33.85 -21.60 4.12
N LEU A 48 -34.03 -20.36 3.66
CA LEU A 48 -35.30 -19.97 3.05
C LEU A 48 -35.65 -20.91 1.91
N VAL A 49 -34.66 -21.27 1.09
CA VAL A 49 -34.93 -22.02 -0.13
C VAL A 49 -35.26 -23.46 0.22
N ASN A 50 -34.67 -23.98 1.29
CA ASN A 50 -34.88 -25.36 1.71
C ASN A 50 -36.09 -25.47 2.65
N GLY B 3 5.80 2.69 24.92
CA GLY B 3 5.59 2.70 23.48
C GLY B 3 6.45 1.67 22.76
N SER B 4 5.80 0.62 22.24
CA SER B 4 6.54 -0.40 21.49
C SER B 4 7.22 0.18 20.26
N VAL B 5 6.61 1.19 19.64
CA VAL B 5 7.23 1.84 18.48
C VAL B 5 8.46 2.64 18.87
N SER B 6 8.56 3.06 20.13
CA SER B 6 9.70 3.85 20.57
C SER B 6 10.96 3.01 20.73
N ARG B 7 10.86 1.69 20.74
CA ARG B 7 12.04 0.83 20.85
C ARG B 7 12.52 0.32 19.50
N VAL B 8 11.69 0.42 18.46
CA VAL B 8 12.03 -0.09 17.14
C VAL B 8 13.12 0.77 16.50
N SER B 9 14.12 0.11 15.90
CA SER B 9 15.16 0.81 15.15
C SER B 9 14.54 1.55 13.97
N ARG B 10 15.27 2.54 13.44
CA ARG B 10 14.69 3.34 12.36
C ARG B 10 14.46 2.49 11.10
N GLU B 11 15.35 1.55 10.82
CA GLU B 11 15.27 0.87 9.53
C GLU B 11 14.03 -0.01 9.50
N GLU B 12 13.71 -0.61 10.65
CA GLU B 12 12.56 -1.49 10.76
C GLU B 12 11.26 -0.70 10.84
N LEU B 13 11.28 0.44 11.53
CA LEU B 13 10.12 1.31 11.51
C LEU B 13 9.79 1.79 10.10
N GLU B 14 10.81 2.19 9.34
CA GLU B 14 10.60 2.56 7.94
C GLU B 14 10.04 1.39 7.14
N ASP B 15 10.63 0.20 7.31
CA ASP B 15 10.13 -0.98 6.62
C ASP B 15 8.68 -1.25 6.99
N ARG B 16 8.35 -1.17 8.29
CA ARG B 16 6.99 -1.44 8.73
C ARG B 16 6.01 -0.41 8.17
N PHE B 17 6.41 0.86 8.12
CA PHE B 17 5.55 1.88 7.56
C PHE B 17 5.27 1.60 6.09
N LEU B 18 6.31 1.24 5.34
CA LEU B 18 6.13 0.98 3.91
C LEU B 18 5.18 -0.19 3.69
N ARG B 19 5.38 -1.30 4.42
CA ARG B 19 4.50 -2.45 4.26
CA ARG B 19 4.49 -2.45 4.25
C ARG B 19 3.08 -2.15 4.75
N LEU B 20 2.96 -1.35 5.81
CA LEU B 20 1.64 -1.04 6.34
C LEU B 20 0.85 -0.17 5.36
N HIS B 21 1.52 0.76 4.67
CA HIS B 21 0.81 1.57 3.68
C HIS B 21 0.30 0.70 2.53
N ASP B 22 1.15 -0.20 2.02
CA ASP B 22 0.73 -1.07 0.92
C ASP B 22 -0.41 -1.98 1.36
N GLU B 23 -0.36 -2.46 2.61
CA GLU B 23 -1.47 -3.27 3.09
C GLU B 23 -2.75 -2.47 3.18
N ASN B 24 -2.66 -1.21 3.61
CA ASN B 24 -3.86 -0.37 3.68
C ASN B 24 -4.45 -0.13 2.30
N ILE B 25 -3.59 0.07 1.28
CA ILE B 25 -4.07 0.25 -0.08
C ILE B 25 -4.82 -1.00 -0.54
N LEU B 26 -4.24 -2.17 -0.29
CA LEU B 26 -4.88 -3.40 -0.73
C LEU B 26 -6.22 -3.60 -0.02
N LEU B 27 -6.29 -3.25 1.27
CA LEU B 27 -7.54 -3.39 2.01
C LEU B 27 -8.64 -2.52 1.41
N LYS B 28 -8.31 -1.28 1.06
CA LYS B 28 -9.34 -0.39 0.50
C LYS B 28 -9.75 -0.85 -0.89
N GLN B 29 -8.79 -1.30 -1.70
CA GLN B 29 -9.13 -1.79 -3.03
C GLN B 29 -10.01 -3.04 -2.95
N HIS B 30 -9.69 -3.94 -2.03
CA HIS B 30 -10.51 -5.13 -1.88
C HIS B 30 -11.90 -4.78 -1.37
N ALA B 31 -11.99 -3.86 -0.41
CA ALA B 31 -13.31 -3.43 0.06
C ALA B 31 -14.11 -2.79 -1.06
N ARG B 32 -13.47 -1.93 -1.85
CA ARG B 32 -14.15 -1.32 -2.99
C ARG B 32 -14.64 -2.38 -3.97
N LYS B 33 -13.79 -3.35 -4.28
CA LYS B 33 -14.19 -4.40 -5.21
C LYS B 33 -15.28 -5.28 -4.61
N GLN B 34 -15.19 -5.60 -3.32
CA GLN B 34 -16.26 -6.37 -2.66
CA GLN B 34 -16.26 -6.37 -2.68
C GLN B 34 -17.59 -5.63 -2.70
N GLU B 35 -17.58 -4.35 -2.34
CA GLU B 35 -18.82 -3.58 -2.34
C GLU B 35 -19.48 -3.61 -3.72
N ASP B 36 -18.67 -3.39 -4.77
CA ASP B 36 -19.20 -3.34 -6.14
C ASP B 36 -19.81 -4.68 -6.55
N LYS B 37 -19.14 -5.80 -6.23
CA LYS B 37 -19.71 -7.11 -6.57
C LYS B 37 -20.97 -7.41 -5.77
N ILE B 38 -21.00 -7.02 -4.49
CA ILE B 38 -22.17 -7.30 -3.66
C ILE B 38 -23.41 -6.65 -4.25
N LYS B 39 -23.28 -5.38 -4.65
CA LYS B 39 -24.43 -4.66 -5.21
C LYS B 39 -24.96 -5.31 -6.47
N ARG B 40 -24.06 -5.71 -7.38
CA ARG B 40 -24.51 -6.33 -8.62
C ARG B 40 -25.24 -7.63 -8.35
N MET B 41 -24.74 -8.44 -7.40
CA MET B 41 -25.41 -9.68 -7.06
C MET B 41 -26.76 -9.42 -6.38
N ALA B 42 -26.82 -8.42 -5.50
CA ALA B 42 -28.10 -8.07 -4.90
C ALA B 42 -29.06 -7.51 -5.94
N THR B 43 -28.57 -6.68 -6.85
CA THR B 43 -29.42 -6.17 -7.92
C THR B 43 -29.97 -7.29 -8.76
N LYS B 44 -29.13 -8.26 -9.08
CA LYS B 44 -29.55 -9.42 -9.87
C LYS B 44 -30.47 -10.34 -9.08
N LEU B 45 -30.31 -10.40 -7.76
CA LEU B 45 -31.28 -11.11 -6.93
C LEU B 45 -32.65 -10.44 -7.03
N ILE B 46 -32.66 -9.11 -7.00
CA ILE B 46 -33.92 -8.37 -7.12
C ILE B 46 -34.54 -8.59 -8.50
N ARG B 47 -33.75 -8.43 -9.55
CA ARG B 47 -34.22 -8.75 -10.89
C ARG B 47 -34.73 -10.18 -11.00
N LEU B 48 -34.10 -11.12 -10.30
CA LEU B 48 -34.55 -12.52 -10.38
C LEU B 48 -35.95 -12.69 -9.80
N VAL B 49 -36.23 -12.09 -8.64
CA VAL B 49 -37.52 -12.35 -7.99
C VAL B 49 -38.64 -11.57 -8.66
N ASN B 50 -38.30 -10.46 -9.34
CA ASN B 50 -39.25 -9.68 -10.13
C ASN B 50 -39.35 -10.32 -11.52
N ASP B 51 -40.18 -11.36 -11.61
CA ASP B 51 -40.30 -12.12 -12.85
C ASP B 51 -40.76 -11.24 -14.00
N LYS B 52 -39.99 -11.25 -15.09
CA LYS B 52 -40.33 -10.49 -16.28
C LYS B 52 -39.81 -11.21 -17.53
N SER C 4 4.35 22.72 5.90
CA SER C 4 3.21 23.39 6.54
C SER C 4 1.94 23.10 5.74
N VAL C 5 1.48 21.87 5.92
CA VAL C 5 0.32 21.33 5.23
C VAL C 5 -0.99 22.06 5.55
N SER C 6 -1.17 22.51 6.80
CA SER C 6 -2.43 23.18 7.13
C SER C 6 -2.60 24.57 6.50
N ARG C 7 -1.62 25.09 5.78
CA ARG C 7 -1.65 26.47 5.29
C ARG C 7 -1.70 26.57 3.78
N VAL C 8 -1.09 25.61 3.05
CA VAL C 8 -1.16 25.62 1.60
C VAL C 8 -2.62 25.60 1.16
N SER C 9 -2.89 26.30 0.06
CA SER C 9 -4.23 26.33 -0.52
C SER C 9 -4.69 24.93 -0.90
N ARG C 10 -6.01 24.81 -1.08
CA ARG C 10 -6.60 23.53 -1.41
C ARG C 10 -6.10 23.05 -2.78
N GLU C 11 -6.05 23.95 -3.76
CA GLU C 11 -5.57 23.57 -5.08
CA GLU C 11 -5.57 23.55 -5.08
C GLU C 11 -4.11 23.12 -5.01
N GLU C 12 -3.31 23.78 -4.18
CA GLU C 12 -1.91 23.38 -4.03
C GLU C 12 -1.81 22.01 -3.36
N LEU C 13 -2.59 21.79 -2.30
CA LEU C 13 -2.53 20.50 -1.62
C LEU C 13 -2.98 19.36 -2.52
N GLU C 14 -4.06 19.58 -3.27
CA GLU C 14 -4.53 18.57 -4.19
C GLU C 14 -3.47 18.23 -5.22
N ASP C 15 -2.80 19.24 -5.77
CA ASP C 15 -1.74 19.00 -6.73
C ASP C 15 -0.64 18.15 -6.12
N ARG C 16 -0.17 18.51 -4.92
CA ARG C 16 0.91 17.77 -4.29
C ARG C 16 0.53 16.31 -4.05
N PHE C 17 -0.69 16.07 -3.57
CA PHE C 17 -1.14 14.70 -3.33
C PHE C 17 -1.18 13.90 -4.64
N LEU C 18 -1.72 14.51 -5.70
CA LEU C 18 -1.85 13.81 -6.97
C LEU C 18 -0.49 13.43 -7.54
N ARG C 19 0.47 14.37 -7.52
CA ARG C 19 1.80 14.08 -8.02
C ARG C 19 2.46 12.95 -7.22
N LEU C 20 2.38 13.03 -5.89
CA LEU C 20 2.96 11.96 -5.07
C LEU C 20 2.24 10.64 -5.31
N HIS C 21 0.92 10.70 -5.52
CA HIS C 21 0.16 9.47 -5.79
C HIS C 21 0.65 8.79 -7.06
N ASP C 22 0.79 9.57 -8.14
CA ASP C 22 1.33 9.02 -9.39
C ASP C 22 2.78 8.60 -9.23
N GLU C 23 3.57 9.39 -8.52
CA GLU C 23 5.00 9.08 -8.39
C GLU C 23 5.24 7.81 -7.60
N ASN C 24 4.53 7.64 -6.49
CA ASN C 24 4.75 6.46 -5.65
C ASN C 24 4.40 5.17 -6.39
N ILE C 25 3.32 5.18 -7.17
CA ILE C 25 2.99 3.99 -7.96
C ILE C 25 4.13 3.66 -8.92
N LEU C 26 4.67 4.68 -9.61
CA LEU C 26 5.76 4.44 -10.54
C LEU C 26 7.01 3.95 -9.82
N LEU C 27 7.30 4.49 -8.64
CA LEU C 27 8.45 4.02 -7.87
C LEU C 27 8.32 2.55 -7.52
N LYS C 28 7.12 2.12 -7.07
CA LYS C 28 6.94 0.72 -6.71
C LYS C 28 6.96 -0.18 -7.93
N GLN C 29 6.38 0.29 -9.05
CA GLN C 29 6.41 -0.51 -10.27
C GLN C 29 7.83 -0.75 -10.73
N HIS C 30 8.65 0.31 -10.77
CA HIS C 30 10.03 0.18 -11.20
CA HIS C 30 10.03 0.16 -11.21
C HIS C 30 10.83 -0.71 -10.26
N ALA C 31 10.59 -0.54 -8.95
CA ALA C 31 11.26 -1.39 -7.97
C ALA C 31 10.92 -2.86 -8.19
N ARG C 32 9.64 -3.14 -8.43
CA ARG C 32 9.20 -4.52 -8.64
C ARG C 32 9.82 -5.11 -9.91
N LYS C 33 9.90 -4.32 -10.99
CA LYS C 33 10.49 -4.82 -12.23
C LYS C 33 12.00 -5.01 -12.09
N GLN C 34 12.67 -4.10 -11.37
CA GLN C 34 14.11 -4.27 -11.16
C GLN C 34 14.39 -5.47 -10.25
N GLU C 35 13.55 -5.67 -9.24
CA GLU C 35 13.70 -6.85 -8.39
C GLU C 35 13.51 -8.12 -9.20
N ASP C 36 12.48 -8.16 -10.05
CA ASP C 36 12.26 -9.34 -10.88
C ASP C 36 13.46 -9.62 -11.77
N LYS C 37 14.01 -8.56 -12.38
CA LYS C 37 15.12 -8.75 -13.30
C LYS C 37 16.38 -9.25 -12.58
N ILE C 38 16.65 -8.73 -11.39
CA ILE C 38 17.82 -9.21 -10.65
C ILE C 38 17.65 -10.68 -10.27
N LYS C 39 16.42 -11.10 -9.95
CA LYS C 39 16.21 -12.51 -9.61
C LYS C 39 16.49 -13.42 -10.80
N ARG C 40 16.06 -13.03 -12.01
CA ARG C 40 16.32 -13.87 -13.18
C ARG C 40 17.82 -14.02 -13.38
N MET C 41 18.57 -12.96 -13.09
CA MET C 41 20.01 -12.96 -13.29
C MET C 41 20.71 -13.83 -12.26
N ALA C 42 20.45 -13.60 -10.98
CA ALA C 42 21.03 -14.44 -9.97
C ALA C 42 20.66 -15.91 -10.18
N THR C 43 19.39 -16.18 -10.51
CA THR C 43 18.98 -17.55 -10.79
C THR C 43 19.78 -18.14 -11.94
N LYS C 44 19.97 -17.37 -13.01
CA LYS C 44 20.77 -17.82 -14.14
C LYS C 44 22.24 -17.95 -13.76
N LEU C 45 22.73 -17.08 -12.89
CA LEU C 45 24.12 -17.16 -12.46
C LEU C 45 24.37 -18.45 -11.70
N ILE C 46 23.42 -18.86 -10.84
CA ILE C 46 23.54 -20.13 -10.13
C ILE C 46 23.48 -21.30 -11.12
N ARG C 47 22.66 -21.17 -12.16
CA ARG C 47 22.59 -22.22 -13.19
C ARG C 47 23.91 -22.38 -13.90
N LEU C 48 24.59 -21.27 -14.19
CA LEU C 48 25.86 -21.33 -14.91
C LEU C 48 26.87 -22.20 -14.18
N VAL C 49 26.99 -22.04 -12.85
CA VAL C 49 28.08 -22.65 -12.13
C VAL C 49 27.84 -24.14 -11.84
N ASN C 50 26.61 -24.62 -11.93
CA ASN C 50 26.35 -26.00 -11.58
C ASN C 50 26.82 -26.98 -12.67
N ASP C 51 26.50 -26.69 -13.93
CA ASP C 51 26.73 -27.61 -15.05
C ASP C 51 25.96 -28.91 -14.83
N SER D 4 -12.24 12.77 -7.76
CA SER D 4 -12.48 12.24 -6.42
C SER D 4 -11.78 13.01 -5.31
N VAL D 5 -10.65 13.65 -5.61
CA VAL D 5 -9.86 14.26 -4.53
C VAL D 5 -10.50 15.57 -4.06
N SER D 6 -11.35 16.19 -4.89
CA SER D 6 -12.04 17.40 -4.46
C SER D 6 -13.16 17.10 -3.47
N ARG D 7 -13.61 15.85 -3.40
CA ARG D 7 -14.61 15.44 -2.42
C ARG D 7 -13.99 15.07 -1.08
N VAL D 8 -12.66 14.89 -1.03
CA VAL D 8 -12.00 14.50 0.20
C VAL D 8 -11.97 15.67 1.18
N SER D 9 -12.24 15.37 2.45
CA SER D 9 -12.16 16.38 3.48
C SER D 9 -10.73 16.92 3.62
N ARG D 10 -10.64 18.09 4.26
CA ARG D 10 -9.35 18.77 4.41
C ARG D 10 -8.38 17.99 5.28
N GLU D 11 -8.80 17.62 6.49
CA GLU D 11 -7.90 16.95 7.42
C GLU D 11 -7.36 15.66 6.84
N GLU D 12 -8.22 14.92 6.13
CA GLU D 12 -7.80 13.68 5.52
C GLU D 12 -6.79 13.91 4.41
N LEU D 13 -7.09 14.88 3.53
CA LEU D 13 -6.15 15.20 2.45
C LEU D 13 -4.78 15.52 3.01
N GLU D 14 -4.74 16.28 4.11
CA GLU D 14 -3.49 16.56 4.79
C GLU D 14 -2.84 15.28 5.30
N ASP D 15 -3.64 14.41 5.94
CA ASP D 15 -3.09 13.12 6.39
C ASP D 15 -2.58 12.31 5.20
N ARG D 16 -3.38 12.25 4.12
CA ARG D 16 -2.97 11.46 2.96
C ARG D 16 -1.73 12.07 2.28
N PHE D 17 -1.64 13.40 2.22
CA PHE D 17 -0.43 13.98 1.65
C PHE D 17 0.79 13.60 2.49
N LEU D 18 0.69 13.72 3.81
CA LEU D 18 1.84 13.41 4.66
C LEU D 18 2.23 11.95 4.54
N ARG D 19 1.26 11.04 4.47
CA ARG D 19 1.66 9.64 4.35
C ARG D 19 2.25 9.34 2.96
N LEU D 20 1.80 10.03 1.92
CA LEU D 20 2.44 9.85 0.61
C LEU D 20 3.80 10.52 0.55
N HIS D 21 3.93 11.69 1.19
CA HIS D 21 5.21 12.39 1.21
C HIS D 21 6.27 11.57 1.93
N ASP D 22 5.92 11.02 3.10
CA ASP D 22 6.85 10.15 3.83
C ASP D 22 7.20 8.92 3.02
N GLU D 23 6.21 8.32 2.36
CA GLU D 23 6.45 7.12 1.57
C GLU D 23 7.36 7.43 0.39
N ASN D 24 7.19 8.59 -0.23
CA ASN D 24 8.03 8.97 -1.37
C ASN D 24 9.49 9.09 -0.97
N ILE D 25 9.76 9.75 0.17
CA ILE D 25 11.13 9.91 0.65
C ILE D 25 11.74 8.56 0.97
N LEU D 26 11.00 7.73 1.71
CA LEU D 26 11.53 6.44 2.12
C LEU D 26 11.77 5.52 0.92
N LEU D 27 10.87 5.55 -0.08
CA LEU D 27 11.04 4.73 -1.26
C LEU D 27 12.34 5.06 -1.96
N LYS D 28 12.67 6.37 -2.03
CA LYS D 28 13.89 6.78 -2.77
C LYS D 28 15.11 6.44 -1.93
N GLN D 29 15.04 6.63 -0.59
CA GLN D 29 16.18 6.29 0.25
C GLN D 29 16.45 4.80 0.19
N HIS D 30 15.40 3.98 0.23
CA HIS D 30 15.58 2.54 0.20
C HIS D 30 16.04 2.06 -1.18
N ALA D 31 15.58 2.71 -2.25
CA ALA D 31 16.08 2.36 -3.58
C ALA D 31 17.56 2.70 -3.71
N ARG D 32 17.95 3.90 -3.27
CA ARG D 32 19.34 4.32 -3.42
C ARG D 32 20.26 3.47 -2.56
N LYS D 33 19.80 3.10 -1.36
CA LYS D 33 20.59 2.22 -0.50
C LYS D 33 20.76 0.84 -1.13
N GLN D 34 19.67 0.26 -1.65
CA GLN D 34 19.78 -1.07 -2.26
C GLN D 34 20.61 -1.01 -3.53
N GLU D 35 20.43 0.03 -4.35
CA GLU D 35 21.24 0.21 -5.55
C GLU D 35 22.72 0.19 -5.21
N ASP D 36 23.11 0.86 -4.13
CA ASP D 36 24.51 0.86 -3.72
C ASP D 36 24.97 -0.54 -3.36
N LYS D 37 24.13 -1.31 -2.65
CA LYS D 37 24.52 -2.66 -2.25
C LYS D 37 24.63 -3.60 -3.45
N ILE D 38 23.75 -3.45 -4.44
CA ILE D 38 23.82 -4.31 -5.63
C ILE D 38 25.16 -4.12 -6.33
N LYS D 39 25.67 -2.90 -6.31
CA LYS D 39 26.82 -2.54 -7.11
C LYS D 39 28.12 -3.08 -6.50
N ARG D 40 28.31 -2.92 -5.19
CA ARG D 40 29.52 -3.50 -4.62
C ARG D 40 29.47 -5.02 -4.57
N MET D 41 28.29 -5.63 -4.72
CA MET D 41 28.26 -7.07 -4.96
C MET D 41 28.70 -7.38 -6.38
N ALA D 42 28.20 -6.62 -7.35
CA ALA D 42 28.67 -6.75 -8.72
C ALA D 42 30.15 -6.47 -8.84
N THR D 43 30.63 -5.45 -8.10
CA THR D 43 32.05 -5.13 -8.12
C THR D 43 32.87 -6.32 -7.62
N LYS D 44 32.44 -6.95 -6.53
CA LYS D 44 33.18 -8.11 -6.06
C LYS D 44 32.97 -9.29 -6.98
N LEU D 45 31.82 -9.35 -7.65
CA LEU D 45 31.64 -10.38 -8.66
C LEU D 45 32.70 -10.24 -9.73
N ILE D 46 32.96 -9.01 -10.20
CA ILE D 46 33.99 -8.79 -11.21
C ILE D 46 35.37 -9.10 -10.66
N ARG D 47 35.67 -8.60 -9.44
CA ARG D 47 37.00 -8.82 -8.86
C ARG D 47 37.30 -10.30 -8.71
N LEU D 48 36.30 -11.09 -8.31
CA LEU D 48 36.52 -12.50 -8.04
C LEU D 48 36.76 -13.32 -9.30
N VAL D 49 36.42 -12.79 -10.49
CA VAL D 49 36.42 -13.64 -11.67
C VAL D 49 37.84 -13.82 -12.19
N ASN D 50 38.74 -12.88 -11.92
CA ASN D 50 40.04 -12.94 -12.59
C ASN D 50 40.98 -13.93 -11.94
#